data_4J8O
#
_entry.id   4J8O
#
_cell.length_a   87.230
_cell.length_b   87.230
_cell.length_c   94.164
_cell.angle_alpha   90.00
_cell.angle_beta   90.00
_cell.angle_gamma   120.00
#
_symmetry.space_group_name_H-M   'P 32 2 1'
#
loop_
_entity.id
_entity.type
_entity.pdbx_description
1 polymer 'Histone-lysine N-methyltransferase SETD7'
2 polymer 'Transcription initiation factor TFIID subunit 10'
3 non-polymer S-ADENOSYL-L-HOMOCYSTEINE
4 water water
#
loop_
_entity_poly.entity_id
_entity_poly.type
_entity_poly.pdbx_seq_one_letter_code
_entity_poly.pdbx_strand_id
1 'polypeptide(L)'
;GAMGYKDNIRHGVCWIYYPDGGSLVGEVNEDGEMTGEKIAYVYPDERTALYGKFIDGEMIEGKLATLMSTEEGRPHFELM
PGNSVYHFDKSTSSCISTNALLPDPYESERVYVAESLISSAGEGLFSKVAVGPNTVMSFYNGVRITHQEVDSRDWALNGN
TLSLDEETVIDVPEPYNHVSKYCASLGHKANHSFTPNCIYDMFVHPRFGPIKCIRTLRAVEADEELTVAYGYDHSPPGKS
GPEAPEWYQVELKAFQATQQK
;
A
2 'polypeptide(L)' (ACE)SKSADRKYTL B
#
loop_
_chem_comp.id
_chem_comp.type
_chem_comp.name
_chem_comp.formula
ACE non-polymer 'ACETYL GROUP' 'C2 H4 O'
SAH non-polymer S-ADENOSYL-L-HOMOCYSTEINE 'C14 H20 N6 O5 S'
#
# COMPACT_ATOMS: atom_id res chain seq x y z
N HIS A 11 -16.42 -16.77 -23.90
CA HIS A 11 -17.54 -16.81 -22.94
C HIS A 11 -17.61 -15.60 -22.01
N GLY A 12 -17.28 -14.44 -22.54
CA GLY A 12 -17.64 -13.23 -21.83
C GLY A 12 -16.65 -13.05 -20.70
N VAL A 13 -16.87 -12.02 -19.89
CA VAL A 13 -15.75 -11.43 -19.17
C VAL A 13 -16.34 -10.91 -17.87
N CYS A 14 -15.65 -11.17 -16.77
N CYS A 14 -15.67 -11.17 -16.74
CA CYS A 14 -16.07 -10.63 -15.51
CA CYS A 14 -16.14 -10.76 -15.42
C CYS A 14 -15.10 -9.57 -15.01
C CYS A 14 -15.16 -9.74 -14.84
N TRP A 15 -15.65 -8.60 -14.31
CA TRP A 15 -14.82 -7.60 -13.61
C TRP A 15 -15.21 -7.69 -12.18
N ILE A 16 -14.23 -7.82 -11.29
CA ILE A 16 -14.56 -7.78 -9.83
C ILE A 16 -13.82 -6.61 -9.26
N TYR A 17 -14.55 -5.58 -8.83
CA TYR A 17 -13.94 -4.38 -8.23
C TYR A 17 -13.91 -4.53 -6.71
N TYR A 18 -12.72 -4.30 -6.17
CA TYR A 18 -12.59 -4.20 -4.72
C TYR A 18 -13.07 -2.83 -4.30
N PRO A 19 -13.35 -2.70 -2.99
CA PRO A 19 -13.75 -1.38 -2.48
C PRO A 19 -12.71 -0.30 -2.72
N ASP A 20 -11.43 -0.67 -2.85
CA ASP A 20 -10.39 0.31 -3.08
C ASP A 20 -10.27 0.80 -4.50
N GLY A 21 -11.04 0.20 -5.40
CA GLY A 21 -11.04 0.67 -6.78
C GLY A 21 -10.17 -0.15 -7.73
N GLY A 22 -9.35 -1.03 -7.17
CA GLY A 22 -8.66 -1.98 -8.05
C GLY A 22 -9.61 -3.04 -8.48
N SER A 23 -9.21 -3.84 -9.47
CA SER A 23 -10.12 -4.88 -9.95
C SER A 23 -9.38 -6.09 -10.51
N LEU A 24 -10.10 -7.22 -10.56
CA LEU A 24 -9.63 -8.39 -11.31
C LEU A 24 -10.54 -8.52 -12.50
N VAL A 25 -9.97 -8.81 -13.66
CA VAL A 25 -10.82 -8.90 -14.87
C VAL A 25 -10.36 -10.06 -15.72
N GLY A 26 -11.31 -10.82 -16.22
CA GLY A 26 -10.96 -11.88 -17.16
C GLY A 26 -12.16 -12.79 -17.43
N GLU A 27 -11.96 -13.74 -18.33
CA GLU A 27 -12.97 -14.76 -18.59
C GLU A 27 -12.93 -15.82 -17.47
N VAL A 28 -14.08 -16.19 -16.91
CA VAL A 28 -14.08 -17.21 -15.86
C VAL A 28 -14.19 -18.61 -16.47
N ASN A 29 -13.66 -19.61 -15.77
CA ASN A 29 -13.63 -20.98 -16.30
C ASN A 29 -14.92 -21.72 -15.96
N GLU A 30 -15.01 -22.98 -16.40
CA GLU A 30 -16.26 -23.74 -16.31
C GLU A 30 -16.82 -23.77 -14.89
N ASP A 31 -15.95 -23.80 -13.88
CA ASP A 31 -16.38 -23.74 -12.49
C ASP A 31 -16.61 -22.31 -12.00
N GLY A 32 -16.49 -21.34 -12.91
CA GLY A 32 -16.65 -19.93 -12.54
C GLY A 32 -15.48 -19.33 -11.78
N GLU A 33 -14.28 -19.91 -11.91
CA GLU A 33 -13.09 -19.32 -11.28
C GLU A 33 -12.32 -18.37 -12.23
N MET A 34 -11.67 -17.35 -11.67
CA MET A 34 -10.78 -16.48 -12.42
C MET A 34 -9.47 -17.20 -12.68
N THR A 35 -9.49 -18.15 -13.61
CA THR A 35 -8.36 -19.00 -13.85
C THR A 35 -8.11 -19.00 -15.30
N GLY A 36 -6.90 -18.70 -15.69
CA GLY A 36 -6.56 -18.63 -17.11
C GLY A 36 -5.28 -17.89 -17.40
N GLU A 37 -4.95 -17.80 -18.69
CA GLU A 37 -3.71 -17.22 -19.13
C GLU A 37 -3.77 -15.73 -19.47
N LYS A 38 -4.99 -15.16 -19.46
CA LYS A 38 -5.24 -13.79 -19.94
C LYS A 38 -6.05 -13.01 -18.91
N ILE A 39 -5.75 -13.24 -17.63
CA ILE A 39 -6.46 -12.57 -16.55
C ILE A 39 -5.62 -11.34 -16.17
N ALA A 40 -6.23 -10.35 -15.54
CA ALA A 40 -5.42 -9.17 -15.13
C ALA A 40 -5.94 -8.64 -13.82
N TYR A 41 -5.00 -8.05 -13.07
CA TYR A 41 -5.35 -7.13 -12.03
C TYR A 41 -5.12 -5.72 -12.54
N VAL A 42 -6.10 -4.84 -12.36
CA VAL A 42 -5.98 -3.41 -12.77
C VAL A 42 -5.97 -2.53 -11.52
N TYR A 43 -4.96 -1.66 -11.44
CA TYR A 43 -4.81 -0.77 -10.28
C TYR A 43 -5.91 0.28 -10.28
N PRO A 44 -6.00 1.06 -9.20
CA PRO A 44 -7.11 2.00 -9.07
C PRO A 44 -7.10 3.14 -10.07
N ASP A 45 -6.01 3.32 -10.84
CA ASP A 45 -6.01 4.31 -11.92
C ASP A 45 -6.76 3.79 -13.14
N GLU A 46 -7.23 2.56 -13.08
CA GLU A 46 -7.97 1.93 -14.19
C GLU A 46 -7.14 1.91 -15.46
N ARG A 47 -5.81 1.88 -15.34
CA ARG A 47 -4.87 1.96 -16.49
C ARG A 47 -3.68 1.04 -16.29
N THR A 48 -3.08 1.08 -15.11
CA THR A 48 -1.90 0.24 -14.87
C THR A 48 -2.37 -1.17 -14.53
N ALA A 49 -1.79 -2.20 -15.15
CA ALA A 49 -2.30 -3.57 -14.98
C ALA A 49 -1.21 -4.60 -14.94
N LEU A 50 -1.52 -5.71 -14.29
CA LEU A 50 -0.64 -6.89 -14.26
C LEU A 50 -1.39 -8.01 -14.91
N TYR A 51 -0.90 -8.46 -16.09
CA TYR A 51 -1.68 -9.29 -17.02
C TYR A 51 -0.98 -10.63 -17.24
N GLY A 52 -1.71 -11.71 -17.08
CA GLY A 52 -1.13 -13.04 -17.38
C GLY A 52 -1.85 -14.16 -16.70
N LYS A 53 -1.04 -15.06 -16.13
CA LYS A 53 -1.61 -16.31 -15.63
C LYS A 53 -2.09 -16.12 -14.20
N PHE A 54 -3.36 -16.41 -13.96
CA PHE A 54 -3.90 -16.43 -12.58
C PHE A 54 -4.56 -17.75 -12.35
N ILE A 55 -4.56 -18.24 -11.11
CA ILE A 55 -5.39 -19.39 -10.74
C ILE A 55 -6.33 -19.04 -9.59
N ASP A 56 -7.63 -19.16 -9.85
CA ASP A 56 -8.66 -18.81 -8.85
C ASP A 56 -8.38 -17.44 -8.26
N GLY A 57 -8.11 -16.50 -9.15
CA GLY A 57 -7.95 -15.11 -8.78
C GLY A 57 -6.59 -14.80 -8.20
N GLU A 58 -5.72 -15.80 -8.05
CA GLU A 58 -4.38 -15.55 -7.48
C GLU A 58 -3.34 -15.39 -8.60
N MET A 59 -2.60 -14.29 -8.55
CA MET A 59 -1.64 -13.98 -9.61
C MET A 59 -0.43 -14.92 -9.60
N ILE A 60 -0.24 -15.65 -10.71
CA ILE A 60 0.92 -16.61 -10.81
C ILE A 60 2.02 -15.94 -11.60
N GLU A 61 1.68 -15.31 -12.71
CA GLU A 61 2.67 -14.56 -13.52
C GLU A 61 1.98 -13.35 -14.15
N GLY A 62 2.09 -12.18 -13.51
CA GLY A 62 1.46 -10.98 -14.06
C GLY A 62 2.54 -10.09 -14.61
N LYS A 63 2.40 -9.73 -15.88
CA LYS A 63 3.35 -8.87 -16.50
C LYS A 63 2.80 -7.45 -16.60
N LEU A 64 3.67 -6.45 -16.44
CA LEU A 64 3.24 -5.08 -16.42
C LEU A 64 2.66 -4.66 -17.77
N ALA A 65 1.46 -4.09 -17.72
CA ALA A 65 0.72 -3.73 -18.96
C ALA A 65 -0.07 -2.48 -18.71
N THR A 66 -0.57 -1.92 -19.80
CA THR A 66 -1.45 -0.78 -19.71
C THR A 66 -2.81 -1.18 -20.30
N LEU A 67 -3.89 -0.90 -19.58
CA LEU A 67 -5.25 -1.12 -20.13
C LEU A 67 -5.55 0.01 -21.10
N MET A 68 -5.65 -0.34 -22.39
CA MET A 68 -5.72 0.71 -23.44
C MET A 68 -7.14 1.10 -23.76
N SER A 69 -8.03 0.13 -23.68
CA SER A 69 -9.41 0.23 -24.19
C SER A 69 -10.22 -0.98 -23.77
N THR A 70 -11.52 -0.92 -24.02
N THR A 70 -11.55 -0.85 -23.76
CA THR A 70 -12.41 -1.99 -23.64
CA THR A 70 -12.39 -2.03 -23.74
C THR A 70 -13.52 -2.15 -24.69
C THR A 70 -13.28 -2.17 -24.96
N GLU A 71 -13.74 -3.38 -25.17
CA GLU A 71 -14.73 -3.65 -26.21
C GLU A 71 -15.70 -4.74 -25.75
N GLU A 72 -16.99 -4.42 -25.78
CA GLU A 72 -18.00 -5.34 -25.27
C GLU A 72 -17.66 -5.84 -23.85
N GLY A 73 -17.06 -4.97 -23.06
CA GLY A 73 -16.62 -5.34 -21.71
C GLY A 73 -15.24 -5.97 -21.62
N ARG A 74 -14.58 -6.14 -22.78
N ARG A 74 -14.63 -6.29 -22.76
CA ARG A 74 -13.35 -6.95 -22.83
CA ARG A 74 -13.39 -7.10 -22.77
C ARG A 74 -12.18 -6.04 -22.94
C ARG A 74 -12.19 -6.17 -22.95
N PRO A 75 -11.25 -6.16 -21.99
CA PRO A 75 -10.18 -5.19 -22.01
C PRO A 75 -9.09 -5.54 -23.04
N HIS A 76 -8.44 -4.50 -23.57
CA HIS A 76 -7.21 -4.70 -24.30
C HIS A 76 -6.02 -4.18 -23.55
N PHE A 77 -5.02 -5.04 -23.41
CA PHE A 77 -3.80 -4.67 -22.67
C PHE A 77 -2.65 -4.61 -23.61
N GLU A 78 -1.84 -3.57 -23.48
CA GLU A 78 -0.57 -3.57 -24.17
C GLU A 78 0.50 -3.81 -23.09
N LEU A 79 1.43 -4.70 -23.38
CA LEU A 79 2.52 -4.98 -22.44
C LEU A 79 3.51 -3.85 -22.44
N MET A 80 3.98 -3.48 -21.26
CA MET A 80 5.06 -2.52 -21.14
C MET A 80 6.39 -3.19 -21.47
N PRO A 81 7.37 -2.36 -21.83
CA PRO A 81 8.76 -2.89 -22.00
C PRO A 81 9.30 -3.51 -20.74
N GLY A 82 10.31 -4.37 -20.92
CA GLY A 82 10.97 -4.97 -19.79
C GLY A 82 10.40 -6.32 -19.53
N ASN A 83 10.93 -6.98 -18.56
CA ASN A 83 10.42 -8.24 -18.28
C ASN A 83 9.96 -8.10 -16.86
N SER A 84 9.22 -7.02 -16.58
CA SER A 84 8.70 -6.85 -15.22
C SER A 84 7.53 -7.82 -15.05
N VAL A 85 7.77 -8.87 -14.23
CA VAL A 85 6.73 -9.83 -13.74
C VAL A 85 6.54 -9.97 -12.20
N TYR A 86 5.31 -10.25 -11.81
CA TYR A 86 4.92 -10.23 -10.40
C TYR A 86 4.09 -11.46 -10.08
N HIS A 87 4.07 -11.87 -8.80
CA HIS A 87 3.20 -12.96 -8.38
C HIS A 87 2.70 -12.73 -6.99
N PHE A 88 1.66 -13.47 -6.62
CA PHE A 88 1.09 -13.36 -5.31
C PHE A 88 2.17 -13.86 -4.34
N ASP A 89 2.49 -13.05 -3.32
CA ASP A 89 3.72 -13.28 -2.50
C ASP A 89 3.46 -12.69 -1.12
N LYS A 90 2.40 -13.17 -0.48
CA LYS A 90 1.97 -12.63 0.82
C LYS A 90 3.10 -12.82 1.81
N SER A 91 3.32 -11.81 2.62
CA SER A 91 4.36 -11.91 3.66
C SER A 91 3.97 -12.90 4.74
N THR A 92 5.00 -13.31 5.47
CA THR A 92 4.78 -14.12 6.66
C THR A 92 5.25 -13.31 7.87
N SER A 93 5.34 -13.95 9.04
CA SER A 93 5.87 -13.24 10.20
C SER A 93 7.36 -12.91 10.06
N SER A 94 8.08 -13.61 9.18
CA SER A 94 9.51 -13.35 9.00
C SER A 94 9.95 -12.87 7.63
N CYS A 95 9.18 -13.19 6.59
CA CYS A 95 9.63 -12.91 5.22
C CYS A 95 8.73 -11.79 4.69
N ILE A 96 9.32 -10.64 4.44
CA ILE A 96 8.54 -9.49 4.02
C ILE A 96 8.17 -9.58 2.54
N SER A 97 9.01 -10.24 1.74
CA SER A 97 8.83 -10.34 0.30
C SER A 97 9.85 -11.32 -0.25
N THR A 98 9.49 -12.06 -1.31
CA THR A 98 10.49 -12.84 -2.11
C THR A 98 11.39 -11.90 -2.93
N ASN A 99 10.95 -10.67 -3.19
CA ASN A 99 11.70 -9.73 -4.01
C ASN A 99 11.63 -8.38 -3.32
N ALA A 100 12.42 -8.23 -2.25
CA ALA A 100 12.40 -7.00 -1.43
C ALA A 100 12.76 -5.75 -2.22
N LEU A 101 13.57 -5.92 -3.29
CA LEU A 101 14.11 -4.79 -4.04
C LEU A 101 13.34 -4.51 -5.33
N LEU A 102 12.30 -5.30 -5.58
CA LEU A 102 11.50 -5.12 -6.82
C LEU A 102 10.31 -4.15 -6.48
N PRO A 103 10.31 -2.96 -7.04
CA PRO A 103 9.34 -1.93 -6.61
C PRO A 103 7.96 -2.29 -7.16
N ASP A 104 6.95 -1.75 -6.52
CA ASP A 104 5.62 -1.82 -7.15
C ASP A 104 5.52 -0.76 -8.23
N PRO A 105 5.05 -1.16 -9.42
CA PRO A 105 5.19 -0.26 -10.57
C PRO A 105 4.17 0.92 -10.53
N TYR A 106 3.04 0.72 -9.88
CA TYR A 106 2.06 1.80 -9.75
C TYR A 106 2.59 2.84 -8.75
N GLU A 107 3.09 2.35 -7.61
CA GLU A 107 3.65 3.21 -6.58
C GLU A 107 4.88 4.00 -7.10
N SER A 108 5.68 3.34 -7.92
N SER A 108 5.68 3.34 -7.92
CA SER A 108 6.92 3.96 -8.42
CA SER A 108 6.94 3.93 -8.40
C SER A 108 6.64 5.23 -9.16
C SER A 108 6.69 5.15 -9.27
N GLU A 109 5.52 5.26 -9.90
CA GLU A 109 5.18 6.40 -10.70
C GLU A 109 4.61 7.54 -9.86
N ARG A 110 4.31 7.28 -8.58
CA ARG A 110 3.57 8.27 -7.78
C ARG A 110 4.31 8.84 -6.58
N VAL A 111 5.24 8.10 -5.97
CA VAL A 111 5.90 8.64 -4.77
C VAL A 111 7.42 8.37 -4.81
N TYR A 112 8.18 9.09 -4.00
CA TYR A 112 9.59 8.78 -3.78
C TYR A 112 9.96 9.12 -2.35
N VAL A 113 11.07 8.57 -1.87
CA VAL A 113 11.52 8.81 -0.52
C VAL A 113 12.64 9.84 -0.53
N ALA A 114 12.60 10.75 0.42
CA ALA A 114 13.64 11.79 0.55
C ALA A 114 13.66 12.23 2.01
N GLU A 115 14.57 13.14 2.37
CA GLU A 115 14.57 13.63 3.75
C GLU A 115 13.26 14.32 4.08
N SER A 116 12.67 14.04 5.25
CA SER A 116 11.40 14.68 5.62
C SER A 116 11.58 16.18 5.77
N LEU A 117 10.53 16.95 5.53
CA LEU A 117 10.58 18.39 5.88
C LEU A 117 10.26 18.64 7.34
N ILE A 118 9.78 17.61 8.03
CA ILE A 118 9.57 17.66 9.48
C ILE A 118 10.91 17.49 10.23
N SER A 119 11.21 18.43 11.13
CA SER A 119 12.51 18.41 11.80
C SER A 119 12.70 17.14 12.61
N SER A 120 13.88 16.53 12.47
CA SER A 120 14.27 15.37 13.26
C SER A 120 13.37 14.16 13.02
N ALA A 121 12.83 14.05 11.82
CA ALA A 121 11.84 13.02 11.56
C ALA A 121 12.37 11.99 10.54
N GLY A 122 13.65 12.07 10.22
CA GLY A 122 14.29 11.13 9.28
C GLY A 122 13.83 11.31 7.84
N GLU A 123 13.49 10.19 7.19
CA GLU A 123 12.99 10.24 5.79
C GLU A 123 11.50 10.39 5.79
N GLY A 124 10.95 10.83 4.66
CA GLY A 124 9.50 10.96 4.50
C GLY A 124 9.17 10.52 3.07
N LEU A 125 7.88 10.53 2.76
CA LEU A 125 7.39 10.05 1.47
C LEU A 125 6.85 11.27 0.77
N PHE A 126 7.14 11.42 -0.52
CA PHE A 126 6.78 12.63 -1.29
C PHE A 126 6.07 12.24 -2.57
N SER A 127 5.19 13.12 -3.06
N SER A 127 5.13 13.08 -3.02
CA SER A 127 4.50 12.83 -4.30
CA SER A 127 4.48 12.86 -4.32
C SER A 127 5.31 13.22 -5.53
C SER A 127 5.44 13.13 -5.46
N LYS A 128 5.36 12.35 -6.53
CA LYS A 128 6.10 12.63 -7.77
C LYS A 128 5.32 13.60 -8.62
N VAL A 129 4.01 13.57 -8.48
CA VAL A 129 3.08 14.12 -9.47
C VAL A 129 1.96 14.84 -8.70
N ALA A 130 1.36 15.85 -9.32
CA ALA A 130 0.09 16.41 -8.79
C ALA A 130 -1.03 15.40 -9.00
N VAL A 131 -1.77 15.10 -7.92
CA VAL A 131 -2.96 14.21 -8.01
C VAL A 131 -4.13 14.87 -7.27
N GLY A 132 -5.33 14.41 -7.56
CA GLY A 132 -6.49 14.91 -6.86
C GLY A 132 -6.83 14.08 -5.64
N PRO A 133 -7.87 14.47 -4.94
CA PRO A 133 -8.33 13.75 -3.76
C PRO A 133 -8.62 12.27 -4.05
N ASN A 134 -8.59 11.46 -2.99
N ASN A 134 -8.58 11.47 -2.99
CA ASN A 134 -8.96 10.09 -3.09
CA ASN A 134 -8.95 10.06 -3.07
C ASN A 134 -7.94 9.08 -3.75
C ASN A 134 -8.02 9.20 -3.93
N THR A 135 -6.78 9.63 -4.09
CA THR A 135 -5.84 8.90 -4.97
C THR A 135 -4.98 7.97 -4.14
N VAL A 136 -4.95 6.68 -4.52
CA VAL A 136 -4.02 5.72 -3.83
C VAL A 136 -2.61 6.08 -4.30
N MET A 137 -1.70 6.23 -3.36
CA MET A 137 -0.37 6.73 -3.70
C MET A 137 0.67 5.67 -3.41
N SER A 138 0.47 4.90 -2.34
CA SER A 138 1.58 4.05 -1.87
C SER A 138 0.99 2.87 -1.08
N PHE A 139 1.77 1.80 -0.91
CA PHE A 139 1.26 0.58 -0.28
C PHE A 139 2.06 0.33 0.99
N TYR A 140 1.37 -0.11 2.03
CA TYR A 140 2.04 -0.41 3.31
C TYR A 140 2.02 -1.93 3.49
N ASN A 141 3.01 -2.59 2.89
CA ASN A 141 3.23 -4.00 3.13
C ASN A 141 4.25 -4.17 4.26
N GLY A 142 4.21 -5.35 4.87
CA GLY A 142 5.22 -5.67 5.91
C GLY A 142 4.98 -7.06 6.37
N VAL A 143 5.82 -7.53 7.32
CA VAL A 143 5.56 -8.83 7.92
C VAL A 143 4.33 -8.77 8.78
N ARG A 144 3.72 -9.94 9.01
CA ARG A 144 2.43 -10.03 9.73
C ARG A 144 2.67 -10.68 11.09
N ILE A 145 2.34 -9.94 12.12
CA ILE A 145 2.51 -10.39 13.53
C ILE A 145 1.26 -10.05 14.34
N THR A 146 1.23 -10.46 15.61
CA THR A 146 -0.01 -10.34 16.39
C THR A 146 -0.01 -9.07 17.26
N HIS A 147 -1.21 -8.60 17.56
CA HIS A 147 -1.37 -7.48 18.49
C HIS A 147 -0.76 -7.78 19.84
N GLN A 148 -0.90 -9.03 20.30
CA GLN A 148 -0.34 -9.43 21.61
C GLN A 148 1.16 -9.20 21.64
N GLU A 149 1.84 -9.67 20.59
CA GLU A 149 3.28 -9.53 20.52
C GLU A 149 3.68 -8.08 20.50
N VAL A 150 2.99 -7.30 19.67
CA VAL A 150 3.32 -5.90 19.50
C VAL A 150 3.08 -5.10 20.79
N ASP A 151 1.96 -5.34 21.42
CA ASP A 151 1.56 -4.54 22.57
C ASP A 151 2.44 -4.90 23.80
N SER A 152 3.04 -6.10 23.78
CA SER A 152 3.91 -6.63 24.87
C SER A 152 5.35 -6.20 24.74
N ARG A 153 5.74 -5.63 23.60
CA ARG A 153 7.13 -5.30 23.43
C ARG A 153 7.39 -3.79 23.51
N ASP A 154 8.65 -3.38 23.55
CA ASP A 154 9.04 -2.02 23.76
C ASP A 154 8.65 -1.13 22.56
N TRP A 155 8.34 0.13 22.83
CA TRP A 155 8.13 1.11 21.70
C TRP A 155 9.26 1.20 20.74
N ALA A 156 10.48 0.97 21.21
CA ALA A 156 11.60 0.99 20.33
C ALA A 156 11.41 0.04 19.16
N LEU A 157 10.60 -1.00 19.33
CA LEU A 157 10.47 -2.04 18.31
C LEU A 157 9.21 -1.74 17.45
N ASN A 158 8.51 -0.67 17.81
CA ASN A 158 7.17 -0.40 17.23
C ASN A 158 7.05 0.87 16.45
N GLY A 159 8.14 1.26 15.82
CA GLY A 159 8.17 2.50 15.05
C GLY A 159 7.33 2.34 13.78
N ASN A 160 7.35 1.14 13.23
CA ASN A 160 6.70 0.87 11.93
C ASN A 160 5.49 -0.07 12.00
N THR A 161 4.89 -0.26 13.18
CA THR A 161 3.76 -1.20 13.27
C THR A 161 2.47 -0.47 12.90
N LEU A 162 1.71 -1.12 12.04
CA LEU A 162 0.42 -0.57 11.58
C LEU A 162 -0.62 -1.65 11.75
N SER A 163 -1.69 -1.34 12.47
CA SER A 163 -2.75 -2.29 12.66
C SER A 163 -3.45 -2.58 11.32
N LEU A 164 -3.63 -3.85 10.99
CA LEU A 164 -4.37 -4.23 9.79
C LEU A 164 -5.83 -4.53 10.14
N ASP A 165 -6.02 -5.37 11.13
CA ASP A 165 -7.38 -5.67 11.58
C ASP A 165 -7.28 -6.10 13.02
N GLU A 166 -8.33 -6.73 13.56
CA GLU A 166 -8.30 -7.18 14.95
C GLU A 166 -7.24 -8.24 15.23
N GLU A 167 -6.86 -9.02 14.22
CA GLU A 167 -5.95 -10.16 14.41
C GLU A 167 -4.48 -9.88 14.01
N THR A 168 -4.24 -8.86 13.20
CA THR A 168 -2.94 -8.75 12.53
C THR A 168 -2.42 -7.33 12.58
N VAL A 169 -1.12 -7.20 12.88
CA VAL A 169 -0.40 -5.96 12.74
C VAL A 169 0.67 -6.15 11.64
N ILE A 170 0.79 -5.18 10.73
N ILE A 170 0.86 -5.13 10.80
CA ILE A 170 1.85 -5.19 9.73
CA ILE A 170 1.87 -5.14 9.77
C ILE A 170 3.05 -4.44 10.29
C ILE A 170 3.08 -4.38 10.26
N ASP A 171 4.27 -4.97 10.10
CA ASP A 171 5.48 -4.28 10.56
C ASP A 171 6.54 -4.26 9.49
N VAL A 172 7.38 -3.24 9.51
CA VAL A 172 8.58 -3.19 8.67
C VAL A 172 9.76 -3.06 9.62
N PRO A 173 10.25 -4.22 10.07
CA PRO A 173 11.31 -4.28 11.06
C PRO A 173 12.66 -4.12 10.39
N GLU A 174 13.65 -3.72 11.18
CA GLU A 174 15.07 -3.79 10.73
C GLU A 174 15.40 -5.10 10.09
N PRO A 175 16.12 -5.05 8.97
CA PRO A 175 16.76 -3.88 8.41
C PRO A 175 15.92 -3.32 7.22
N TYR A 176 14.65 -3.73 7.18
CA TYR A 176 13.83 -3.40 6.00
C TYR A 176 13.28 -1.99 6.11
N ASN A 177 13.56 -1.29 7.21
CA ASN A 177 13.24 0.16 7.28
C ASN A 177 14.15 1.06 6.44
N HIS A 178 15.19 0.47 5.81
CA HIS A 178 16.08 1.22 4.88
C HIS A 178 15.71 0.85 3.47
N VAL A 179 15.50 1.84 2.61
N VAL A 179 15.54 1.87 2.64
CA VAL A 179 15.05 1.52 1.25
CA VAL A 179 15.14 1.69 1.25
C VAL A 179 16.13 0.78 0.43
C VAL A 179 16.13 0.81 0.48
N SER A 180 17.39 0.84 0.91
CA SER A 180 18.42 0.02 0.27
C SER A 180 18.26 -1.45 0.52
N LYS A 181 17.46 -1.84 1.54
CA LYS A 181 17.19 -3.24 1.82
C LYS A 181 15.77 -3.64 1.44
N TYR A 182 14.87 -2.65 1.38
CA TYR A 182 13.46 -3.01 1.06
C TYR A 182 12.81 -1.80 0.34
N CYS A 183 12.33 -2.01 -0.86
CA CYS A 183 11.67 -0.91 -1.57
C CYS A 183 10.52 -1.45 -2.40
N ALA A 184 10.03 -2.64 -2.07
CA ALA A 184 8.90 -3.23 -2.80
C ALA A 184 7.66 -2.41 -2.52
N SER A 185 7.61 -1.79 -1.34
CA SER A 185 6.54 -0.83 -1.05
C SER A 185 7.09 0.23 -0.17
N LEU A 186 6.39 1.35 -0.04
CA LEU A 186 7.02 2.53 0.54
C LEU A 186 6.11 3.22 1.58
N GLY A 187 4.98 2.61 1.93
CA GLY A 187 3.96 3.32 2.75
C GLY A 187 4.51 3.61 4.15
N HIS A 188 5.43 2.76 4.61
CA HIS A 188 6.02 2.95 5.95
C HIS A 188 6.95 4.16 6.01
N LYS A 189 7.17 4.83 4.88
CA LYS A 189 7.99 6.04 4.91
C LYS A 189 7.18 7.35 5.08
N ALA A 190 5.85 7.28 5.13
CA ALA A 190 5.06 8.50 5.40
C ALA A 190 5.08 8.82 6.87
N ASN A 191 5.45 10.06 7.16
CA ASN A 191 5.48 10.51 8.53
C ASN A 191 4.11 10.95 9.01
N HIS A 192 4.04 11.15 10.33
CA HIS A 192 2.80 11.52 10.99
C HIS A 192 2.57 13.02 10.94
N SER A 193 1.31 13.39 10.75
CA SER A 193 0.87 14.76 11.02
C SER A 193 -0.49 14.74 11.65
N PHE A 194 -0.74 15.66 12.60
CA PHE A 194 -2.14 15.90 13.01
C PHE A 194 -2.98 16.73 12.04
N THR A 195 -2.35 17.27 10.99
CA THR A 195 -3.06 17.88 9.88
C THR A 195 -2.69 17.23 8.55
N PRO A 196 -3.11 15.97 8.38
CA PRO A 196 -2.50 15.20 7.28
C PRO A 196 -3.10 15.54 5.93
N ASN A 197 -2.43 15.12 4.83
CA ASN A 197 -3.04 15.17 3.53
C ASN A 197 -3.47 13.80 2.99
N CYS A 198 -3.14 12.72 3.73
CA CYS A 198 -3.48 11.37 3.33
C CYS A 198 -4.09 10.62 4.51
N ILE A 199 -4.66 9.47 4.23
CA ILE A 199 -5.17 8.54 5.24
C ILE A 199 -4.63 7.14 4.90
N TYR A 200 -4.62 6.28 5.89
CA TYR A 200 -4.47 4.86 5.65
C TYR A 200 -5.80 4.26 5.28
N ASP A 201 -5.84 3.35 4.33
CA ASP A 201 -7.09 2.72 3.94
C ASP A 201 -6.83 1.24 3.60
N MET A 202 -7.83 0.38 3.73
CA MET A 202 -7.65 -1.07 3.37
C MET A 202 -7.38 -1.19 1.90
N PHE A 203 -6.54 -2.14 1.53
CA PHE A 203 -6.24 -2.34 0.11
C PHE A 203 -6.00 -3.81 -0.18
N VAL A 204 -6.58 -4.31 -1.27
CA VAL A 204 -6.35 -5.71 -1.63
C VAL A 204 -5.38 -5.73 -2.80
N HIS A 205 -4.14 -6.17 -2.55
CA HIS A 205 -3.05 -6.06 -3.53
C HIS A 205 -2.75 -7.44 -4.13
N PRO A 206 -2.51 -7.52 -5.45
CA PRO A 206 -2.42 -8.82 -6.09
C PRO A 206 -1.08 -9.52 -5.73
N ARG A 207 -0.08 -8.72 -5.35
CA ARG A 207 1.19 -9.28 -4.90
C ARG A 207 1.22 -9.38 -3.39
N PHE A 208 0.87 -8.31 -2.69
CA PHE A 208 1.06 -8.33 -1.22
C PHE A 208 -0.14 -8.94 -0.46
N GLY A 209 -1.28 -9.14 -1.11
CA GLY A 209 -2.46 -9.59 -0.40
C GLY A 209 -3.19 -8.43 0.30
N PRO A 210 -3.91 -8.76 1.40
CA PRO A 210 -4.64 -7.75 2.17
C PRO A 210 -3.69 -6.90 3.01
N ILE A 211 -3.58 -5.64 2.63
CA ILE A 211 -2.71 -4.73 3.34
C ILE A 211 -3.44 -3.38 3.53
N LYS A 212 -2.68 -2.32 3.85
CA LYS A 212 -3.23 -0.94 3.81
C LYS A 212 -2.45 -0.11 2.81
N CYS A 213 -3.13 0.89 2.28
CA CYS A 213 -2.48 1.85 1.39
C CYS A 213 -2.55 3.25 1.95
N ILE A 214 -1.80 4.14 1.34
CA ILE A 214 -1.83 5.59 1.65
C ILE A 214 -2.67 6.25 0.54
N ARG A 215 -3.76 6.93 0.91
CA ARG A 215 -4.69 7.53 -0.12
C ARG A 215 -4.82 9.01 0.19
N THR A 216 -4.74 9.88 -0.80
CA THR A 216 -4.88 11.30 -0.49
C THR A 216 -6.34 11.62 -0.04
N LEU A 217 -6.45 12.62 0.83
CA LEU A 217 -7.81 13.08 1.20
C LEU A 217 -8.10 14.41 0.54
N ARG A 218 -7.09 14.96 -0.12
CA ARG A 218 -7.24 16.21 -0.86
C ARG A 218 -6.25 16.20 -2.03
N ALA A 219 -6.40 17.13 -2.95
CA ALA A 219 -5.40 17.31 -3.99
C ALA A 219 -4.03 17.60 -3.38
N VAL A 220 -3.00 17.02 -3.98
CA VAL A 220 -1.61 17.28 -3.56
C VAL A 220 -0.78 17.70 -4.77
N GLU A 221 0.25 18.50 -4.52
CA GLU A 221 1.11 18.98 -5.60
C GLU A 221 2.27 18.04 -5.80
N ALA A 222 2.92 18.11 -6.96
CA ALA A 222 4.20 17.46 -7.12
C ALA A 222 5.22 17.93 -6.06
N ASP A 223 6.01 16.97 -5.57
CA ASP A 223 7.00 17.22 -4.51
C ASP A 223 6.46 17.64 -3.15
N GLU A 224 5.17 17.40 -2.90
CA GLU A 224 4.61 17.65 -1.59
C GLU A 224 4.86 16.41 -0.71
N GLU A 225 5.21 16.65 0.55
CA GLU A 225 5.37 15.53 1.47
C GLU A 225 3.99 14.97 1.81
N LEU A 226 3.90 13.63 1.83
CA LEU A 226 2.64 12.97 2.17
C LEU A 226 2.70 12.60 3.63
N THR A 227 1.63 12.95 4.37
CA THR A 227 1.57 12.65 5.81
C THR A 227 0.23 12.06 6.15
N VAL A 228 0.20 11.25 7.24
CA VAL A 228 -1.00 10.53 7.66
C VAL A 228 -1.08 10.72 9.18
N ALA A 229 -2.27 10.69 9.74
CA ALA A 229 -2.37 10.65 11.20
C ALA A 229 -2.19 9.22 11.70
N TYR A 230 -1.20 8.99 12.53
CA TYR A 230 -0.94 7.65 13.00
C TYR A 230 -2.03 7.12 13.92
N GLY A 231 -2.77 8.02 14.59
CA GLY A 231 -3.95 7.57 15.28
C GLY A 231 -3.68 6.67 16.49
N TYR A 232 -2.73 7.06 17.33
CA TYR A 232 -2.47 6.31 18.55
C TYR A 232 -3.56 6.67 19.58
N ASP A 233 -3.71 5.82 20.60
CA ASP A 233 -4.76 6.00 21.62
C ASP A 233 -4.32 7.08 22.61
N HIS A 234 -5.08 8.18 22.66
CA HIS A 234 -4.71 9.35 23.43
C HIS A 234 -5.21 9.24 24.85
N SER A 235 -6.07 8.26 25.10
CA SER A 235 -6.57 8.03 26.47
C SER A 235 -6.85 6.53 26.70
N PRO A 236 -5.78 5.71 26.75
CA PRO A 236 -5.89 4.24 26.80
C PRO A 236 -6.61 3.74 28.06
N GLY A 241 -1.70 9.21 30.38
CA GLY A 241 -1.53 9.87 29.09
C GLY A 241 -1.71 8.93 27.89
N PRO A 242 -1.31 9.40 26.69
CA PRO A 242 -1.39 8.61 25.46
C PRO A 242 -0.49 7.37 25.51
N GLU A 243 -0.91 6.29 24.85
CA GLU A 243 -0.02 5.16 24.57
C GLU A 243 0.63 5.41 23.21
N ALA A 244 1.83 5.98 23.24
CA ALA A 244 2.44 6.56 22.05
C ALA A 244 3.89 6.85 22.34
N PRO A 245 4.74 6.88 21.28
CA PRO A 245 6.15 7.22 21.44
C PRO A 245 6.32 8.67 21.87
N GLU A 246 7.42 8.97 22.56
CA GLU A 246 7.56 10.28 23.16
C GLU A 246 7.39 11.41 22.14
N TRP A 247 8.00 11.26 20.95
CA TRP A 247 7.89 12.29 19.91
C TRP A 247 6.46 12.64 19.54
N TYR A 248 5.58 11.64 19.52
CA TYR A 248 4.16 11.85 19.23
C TYR A 248 3.48 12.60 20.39
N GLN A 249 3.83 12.23 21.61
CA GLN A 249 3.30 12.93 22.79
C GLN A 249 3.66 14.42 22.81
N VAL A 250 4.88 14.76 22.47
CA VAL A 250 5.24 16.17 22.27
C VAL A 250 4.32 16.84 21.24
N GLU A 251 4.16 16.23 20.06
CA GLU A 251 3.40 16.88 19.01
C GLU A 251 1.91 16.98 19.38
N LEU A 252 1.37 16.03 20.16
CA LEU A 252 -0.05 16.01 20.49
C LEU A 252 -0.40 17.20 21.39
N LYS A 253 0.48 17.46 22.35
CA LYS A 253 0.37 18.64 23.21
C LYS A 253 0.34 19.93 22.40
N ALA A 254 1.30 20.09 21.48
CA ALA A 254 1.33 21.25 20.58
C ALA A 254 0.07 21.42 19.72
N PHE A 255 -0.43 20.31 19.19
CA PHE A 255 -1.63 20.34 18.36
C PHE A 255 -2.85 20.79 19.18
N GLN A 256 -3.07 20.17 20.35
CA GLN A 256 -4.20 20.55 21.22
C GLN A 256 -4.12 22.04 21.61
N ALA A 257 -2.91 22.51 21.84
CA ALA A 257 -2.66 23.91 22.16
C ALA A 257 -3.11 24.84 21.04
N THR A 258 -2.73 24.53 19.80
CA THR A 258 -3.21 25.30 18.64
C THR A 258 -4.73 25.33 18.54
N GLN A 259 -5.42 24.32 19.09
CA GLN A 259 -6.88 24.23 19.00
C GLN A 259 -7.58 25.22 19.95
N SER B 2 -2.64 -1.82 20.74
CA SER B 2 -2.47 -0.36 20.81
C SER B 2 -1.07 0.22 20.58
N LYS B 3 -0.01 -0.62 20.46
CA LYS B 3 1.27 -0.05 20.10
C LYS B 3 1.48 -0.10 18.59
N SER B 4 0.44 0.25 17.87
CA SER B 4 0.51 0.26 16.40
C SER B 4 -0.40 1.37 15.93
N ALA B 5 -0.12 1.88 14.75
CA ALA B 5 -0.94 2.93 14.16
C ALA B 5 -2.28 2.43 13.62
N ASP B 6 -3.28 3.31 13.67
CA ASP B 6 -4.51 3.17 12.86
C ASP B 6 -5.36 2.03 13.32
N ARG B 7 -5.38 1.74 14.62
CA ARG B 7 -6.33 0.76 15.13
C ARG B 7 -7.78 1.33 15.08
N LYS B 8 -8.69 0.53 14.52
CA LYS B 8 -10.16 0.70 14.61
C LYS B 8 -10.61 1.25 15.96
N SAH C . 10.70 8.73 9.23
CA SAH C . 10.58 7.30 9.06
CB SAH C . 9.33 6.99 8.20
CG SAH C . 8.05 6.93 9.07
SD SAH C . 8.12 5.48 10.10
C SAH C . 11.85 6.75 8.43
O SAH C . 11.92 5.56 8.05
OXT SAH C . 12.79 7.51 8.15
C5' SAH C . 7.76 6.09 11.75
C4' SAH C . 9.00 6.83 12.34
O4' SAH C . 9.17 8.12 11.75
C3' SAH C . 8.84 7.14 13.84
O3' SAH C . 9.47 6.09 14.59
C2' SAH C . 9.61 8.41 14.06
O2' SAH C . 10.98 8.03 14.24
C1' SAH C . 9.44 9.12 12.74
N9 SAH C . 8.28 10.03 12.75
C8 SAH C . 7.13 9.90 12.01
N7 SAH C . 6.41 11.04 12.09
C5 SAH C . 7.11 11.91 12.86
C6 SAH C . 6.84 13.27 13.37
N6 SAH C . 5.72 13.95 13.05
N1 SAH C . 7.81 13.82 14.17
C2 SAH C . 8.94 13.16 14.43
N3 SAH C . 9.21 11.88 14.09
C4 SAH C . 8.34 11.26 13.26
#